data_4EH8
#
_entry.id   4EH8
#
_cell.length_a   64.660
_cell.length_b   74.440
_cell.length_c   76.870
_cell.angle_alpha   90.000
_cell.angle_beta   90.000
_cell.angle_gamma   90.000
#
_symmetry.space_group_name_H-M   'P 21 21 21'
#
loop_
_entity.id
_entity.type
_entity.pdbx_description
1 polymer 'Mitogen-activated protein kinase 14'
2 non-polymer N~4~-cyclopropyl-2-phenylquinazoline-4,7-diamine
3 non-polymer [3-(benzyloxy)phenyl]methanol
4 water water
#
_entity_poly.entity_id   1
_entity_poly.type   'polypeptide(L)'
_entity_poly.pdbx_seq_one_letter_code
;GSQERPTFYRQELNKTIWEVPERYQNLSPVGSGAYGSVCAAFDTKTGLRVAVKKLSRPFQSIIHAKRTYRELRLLKHMKH
ENVIGLLDVFTPARSLEEFNDVYLVTHLMGADLNNIVKCQKLTDDHVQFLIYQILRGLKYIHSADIIHRDLKPSNLAVNE
DCELKILDFGLARHTDDEMTGYVATRWYRAPEIMLNWMHYNQTVDIWSVGCIMAELLTGRTLFPGTDHIDQLKLILRLVG
TPGAELLKKISSESARNYIQSLTQMPKMNFANVFIGANPLAVDLLEKMLVLDSDKRITAAQALAHAYFAQYHDPDDEPVA
DPYDQSFESRDLLIDEWKSLTYDEVISFVPPPLDQEEMES
;
_entity_poly.pdbx_strand_id   A
#
loop_
_chem_comp.id
_chem_comp.type
_chem_comp.name
_chem_comp.formula
0OP non-polymer [3-(benzyloxy)phenyl]methanol 'C14 H14 O2'
IRG non-polymer N~4~-cyclopropyl-2-phenylquinazoline-4,7-diamine 'C17 H16 N4'
#
# COMPACT_ATOMS: atom_id res chain seq x y z
N GLU A 4 22.78 -12.03 24.52
CA GLU A 4 21.40 -12.59 24.53
C GLU A 4 20.93 -12.98 23.13
N ARG A 5 21.88 -13.34 22.27
CA ARG A 5 21.58 -13.71 20.87
C ARG A 5 20.87 -15.06 20.79
N PRO A 6 19.85 -15.16 19.91
CA PRO A 6 19.20 -16.45 19.75
C PRO A 6 20.06 -17.34 18.89
N THR A 7 19.71 -18.62 18.85
CA THR A 7 20.48 -19.57 18.06
C THR A 7 19.94 -19.54 16.66
N PHE A 8 20.82 -19.26 15.71
CA PHE A 8 20.44 -19.22 14.32
C PHE A 8 20.65 -20.56 13.67
N TYR A 9 20.02 -20.79 12.53
CA TYR A 9 20.28 -22.00 11.75
C TYR A 9 20.23 -21.71 10.26
N ARG A 10 21.04 -22.41 9.50
CA ARG A 10 21.17 -22.16 8.07
C ARG A 10 20.35 -23.13 7.23
N GLN A 11 19.88 -22.68 6.07
CA GLN A 11 19.34 -23.59 5.05
C GLN A 11 19.24 -22.87 3.70
N GLU A 12 19.16 -23.65 2.62
CA GLU A 12 19.04 -23.10 1.28
C GLU A 12 17.63 -23.32 0.74
N LEU A 13 16.97 -22.23 0.37
CA LEU A 13 15.63 -22.31 -0.24
C LEU A 13 15.60 -21.75 -1.66
N ASN A 14 15.53 -22.67 -2.63
CA ASN A 14 15.62 -22.36 -4.07
C ASN A 14 16.75 -21.37 -4.40
N LYS A 15 16.41 -20.09 -4.51
CA LYS A 15 17.37 -19.03 -4.81
C LYS A 15 18.54 -19.00 -3.82
N THR A 16 18.27 -18.64 -2.56
CA THR A 16 19.28 -18.16 -1.63
C THR A 16 19.53 -19.06 -0.39
N ILE A 17 20.47 -18.64 0.47
CA ILE A 17 20.59 -19.16 1.83
C ILE A 17 19.56 -18.45 2.73
N TRP A 18 19.38 -18.94 3.95
CA TRP A 18 18.50 -18.32 4.93
C TRP A 18 19.09 -18.61 6.29
N GLU A 19 19.26 -17.58 7.09
CA GLU A 19 19.83 -17.76 8.41
C GLU A 19 18.97 -17.08 9.44
N VAL A 20 18.20 -17.88 10.17
CA VAL A 20 17.11 -17.37 11.00
C VAL A 20 17.20 -17.99 12.41
N PRO A 21 16.78 -17.25 13.44
CA PRO A 21 16.71 -17.76 14.82
C PRO A 21 15.86 -19.03 14.86
N GLU A 22 16.23 -19.98 15.71
CA GLU A 22 15.56 -21.28 15.78
C GLU A 22 14.06 -21.12 16.06
N ARG A 23 13.70 -20.06 16.77
CA ARG A 23 12.31 -19.65 17.00
C ARG A 23 11.37 -19.77 15.78
N TYR A 24 11.91 -19.63 14.58
CA TYR A 24 11.11 -19.76 13.37
C TYR A 24 11.38 -21.09 12.72
N GLN A 25 10.31 -21.81 12.39
CA GLN A 25 10.42 -23.21 11.98
C GLN A 25 9.64 -23.47 10.71
N ASN A 26 10.00 -24.56 10.03
CA ASN A 26 9.25 -25.03 8.88
C ASN A 26 9.09 -23.99 7.78
N LEU A 27 10.17 -23.25 7.52
CA LEU A 27 10.17 -22.24 6.47
C LEU A 27 9.88 -22.85 5.12
N SER A 28 9.04 -22.17 4.35
CA SER A 28 8.59 -22.62 3.04
C SER A 28 8.27 -21.40 2.17
N PRO A 29 8.81 -21.36 0.93
CA PRO A 29 8.65 -20.19 0.05
C PRO A 29 7.21 -19.79 -0.27
N VAL A 30 6.94 -18.49 -0.36
CA VAL A 30 5.66 -17.99 -0.89
C VAL A 30 5.79 -17.14 -2.18
N GLY A 31 7.01 -16.81 -2.59
CA GLY A 31 7.26 -16.15 -3.88
C GLY A 31 8.36 -15.09 -3.88
N SER A 32 8.56 -14.46 -5.03
CA SER A 32 9.52 -13.36 -5.13
C SER A 32 8.86 -12.13 -5.79
N TYR A 35 13.63 -7.07 -4.86
CA TYR A 35 13.00 -6.45 -3.69
C TYR A 35 13.16 -7.35 -2.47
N GLY A 36 12.97 -8.65 -2.69
CA GLY A 36 13.17 -9.63 -1.64
C GLY A 36 12.38 -10.89 -1.89
N SER A 37 12.54 -11.87 -1.00
CA SER A 37 11.81 -13.13 -1.12
C SER A 37 11.33 -13.57 0.26
N VAL A 38 10.10 -14.09 0.28
CA VAL A 38 9.34 -14.31 1.50
C VAL A 38 9.09 -15.81 1.71
N CYS A 39 9.25 -16.26 2.95
CA CYS A 39 8.89 -17.62 3.36
C CYS A 39 7.80 -17.62 4.42
N ALA A 40 6.87 -18.56 4.27
CA ALA A 40 5.94 -18.86 5.33
C ALA A 40 6.69 -19.65 6.41
N ALA A 41 6.64 -19.20 7.66
CA ALA A 41 7.26 -19.94 8.74
C ALA A 41 6.26 -20.17 9.86
N PHE A 42 6.63 -21.03 10.81
CA PHE A 42 5.87 -21.13 12.04
C PHE A 42 6.70 -20.50 13.12
N ASP A 43 6.06 -19.70 13.94
CA ASP A 43 6.75 -18.94 14.95
C ASP A 43 6.46 -19.52 16.33
N THR A 44 7.48 -20.13 16.94
CA THR A 44 7.29 -20.93 18.17
C THR A 44 6.96 -20.09 19.41
N LYS A 45 7.35 -18.83 19.39
CA LYS A 45 7.08 -17.96 20.51
C LYS A 45 5.61 -17.61 20.61
N THR A 46 4.87 -17.66 19.49
CA THR A 46 3.46 -17.24 19.48
C THR A 46 2.48 -18.30 18.94
N GLY A 47 2.99 -19.24 18.16
CA GLY A 47 2.15 -20.26 17.59
C GLY A 47 1.43 -19.78 16.34
N LEU A 48 1.77 -18.58 15.89
CA LEU A 48 1.14 -18.00 14.70
C LEU A 48 1.98 -18.34 13.50
N ARG A 49 1.32 -18.51 12.36
CA ARG A 49 1.98 -18.54 11.08
C ARG A 49 2.45 -17.08 10.80
N VAL A 50 3.68 -16.95 10.27
CA VAL A 50 4.26 -15.63 10.00
C VAL A 50 4.93 -15.67 8.65
N ALA A 51 5.20 -14.49 8.10
CA ALA A 51 6.01 -14.41 6.89
C ALA A 51 7.37 -13.70 7.19
N VAL A 52 8.45 -14.36 6.76
CA VAL A 52 9.79 -13.86 6.96
C VAL A 52 10.23 -13.47 5.56
N LYS A 53 10.55 -12.17 5.39
CA LYS A 53 11.08 -11.64 4.15
C LYS A 53 12.57 -11.41 4.30
N LYS A 54 13.35 -12.04 3.42
CA LYS A 54 14.78 -11.78 3.27
C LYS A 54 15.01 -10.69 2.21
N LEU A 55 15.67 -9.60 2.59
CA LEU A 55 15.87 -8.53 1.64
C LEU A 55 16.96 -8.91 0.65
N SER A 56 16.74 -8.53 -0.58
CA SER A 56 17.69 -8.87 -1.59
C SER A 56 18.74 -7.78 -1.66
N ARG A 57 19.97 -8.12 -1.27
CA ARG A 57 21.13 -7.21 -1.39
C ARG A 57 20.79 -5.82 -0.82
N PRO A 58 20.51 -5.76 0.51
CA PRO A 58 19.95 -4.54 1.10
C PRO A 58 20.79 -3.29 0.87
N PHE A 59 22.11 -3.48 0.76
CA PHE A 59 23.07 -2.40 0.64
C PHE A 59 23.98 -2.54 -0.60
N GLN A 60 23.39 -2.94 -1.74
CA GLN A 60 24.04 -3.04 -3.06
C GLN A 60 24.42 -1.65 -3.62
N SER A 61 23.59 -0.63 -3.36
CA SER A 61 23.84 0.76 -3.79
C SER A 61 23.39 1.77 -2.73
N ILE A 62 23.58 3.07 -3.02
CA ILE A 62 23.03 4.13 -2.18
C ILE A 62 21.50 4.03 -2.13
N ILE A 63 20.87 3.68 -3.26
CA ILE A 63 19.41 3.65 -3.40
C ILE A 63 18.78 2.49 -2.65
N HIS A 64 19.40 1.31 -2.77
CA HIS A 64 19.02 0.12 -2.06
C HIS A 64 19.14 0.32 -0.55
N ALA A 65 20.24 0.95 -0.15
CA ALA A 65 20.57 1.26 1.20
C ALA A 65 19.48 2.11 1.78
N LYS A 66 19.15 3.21 1.08
CA LYS A 66 18.18 4.14 1.57
C LYS A 66 16.78 3.46 1.60
N ARG A 67 16.48 2.66 0.59
CA ARG A 67 15.22 1.95 0.49
C ARG A 67 15.07 0.88 1.61
N THR A 68 16.15 0.21 1.95
CA THR A 68 16.15 -0.74 3.04
C THR A 68 15.78 -0.01 4.33
N TYR A 69 16.36 1.16 4.51
CA TYR A 69 16.16 1.96 5.70
C TYR A 69 14.74 2.51 5.78
N ARG A 70 14.26 3.05 4.65
CA ARG A 70 12.89 3.54 4.49
C ARG A 70 11.87 2.49 4.90
N GLU A 71 11.96 1.31 4.30
CA GLU A 71 11.04 0.22 4.57
C GLU A 71 11.08 -0.22 6.07
N LEU A 72 12.27 -0.33 6.62
CA LEU A 72 12.40 -0.64 8.04
C LEU A 72 11.79 0.45 8.92
N ARG A 73 12.09 1.70 8.63
CA ARG A 73 11.47 2.80 9.32
C ARG A 73 9.93 2.77 9.25
N LEU A 74 9.39 2.57 8.07
CA LEU A 74 7.94 2.61 7.84
C LEU A 74 7.30 1.43 8.58
N LEU A 75 7.92 0.24 8.45
CA LEU A 75 7.38 -0.94 9.15
C LEU A 75 7.39 -0.80 10.69
N LYS A 76 8.47 -0.31 11.27
CA LYS A 76 8.57 -0.11 12.70
C LYS A 76 7.52 0.84 13.25
N HIS A 77 7.05 1.75 12.42
CA HIS A 77 6.10 2.75 12.87
C HIS A 77 4.63 2.29 12.81
N MET A 78 4.29 1.39 11.92
CA MET A 78 2.89 1.02 11.70
C MET A 78 2.37 0.10 12.79
N LYS A 79 1.49 0.63 13.62
CA LYS A 79 0.81 -0.17 14.66
C LYS A 79 -0.66 0.08 14.50
N HIS A 80 -1.31 -0.73 13.68
CA HIS A 80 -2.73 -0.50 13.44
C HIS A 80 -3.25 -1.75 12.79
N GLU A 81 -4.52 -2.08 13.05
CA GLU A 81 -5.13 -3.35 12.62
C GLU A 81 -5.18 -3.56 11.14
N ASN A 82 -5.38 -2.48 10.39
CA ASN A 82 -5.47 -2.57 8.94
C ASN A 82 -4.20 -2.20 8.21
N VAL A 83 -3.08 -2.22 8.91
CA VAL A 83 -1.80 -2.02 8.22
C VAL A 83 -0.77 -3.06 8.68
N ILE A 84 -0.02 -3.60 7.73
CA ILE A 84 1.09 -4.51 8.02
C ILE A 84 1.95 -3.94 9.13
N GLY A 85 2.30 -4.77 10.10
CA GLY A 85 3.16 -4.33 11.20
C GLY A 85 4.32 -5.29 11.36
N LEU A 86 5.36 -4.86 12.06
CA LEU A 86 6.56 -5.66 12.32
C LEU A 86 6.48 -6.51 13.59
N LEU A 87 6.43 -7.83 13.44
CA LEU A 87 6.51 -8.76 14.60
C LEU A 87 7.96 -8.84 15.05
N ASP A 88 8.84 -8.93 14.05
CA ASP A 88 10.27 -9.02 14.30
C ASP A 88 11.13 -8.50 13.13
N VAL A 89 12.32 -8.05 13.47
CA VAL A 89 13.41 -7.89 12.50
C VAL A 89 14.70 -8.38 13.11
N PHE A 90 15.47 -9.12 12.34
CA PHE A 90 16.72 -9.67 12.82
C PHE A 90 17.74 -9.73 11.69
N THR A 91 19.00 -9.85 12.08
CA THR A 91 20.11 -10.19 11.16
C THR A 91 20.96 -11.33 11.80
N PRO A 92 21.57 -12.19 10.98
CA PRO A 92 22.58 -13.13 11.50
C PRO A 92 23.89 -12.46 11.99
N ALA A 93 24.16 -11.22 11.58
CA ALA A 93 25.35 -10.46 12.03
C ALA A 93 25.46 -10.25 13.52
N ARG A 94 26.67 -10.38 14.05
CA ARG A 94 26.91 -10.05 15.46
C ARG A 94 27.39 -8.61 15.65
N SER A 95 27.90 -8.00 14.58
CA SER A 95 28.42 -6.62 14.64
C SER A 95 27.96 -5.79 13.46
N LEU A 96 28.03 -4.46 13.61
CA LEU A 96 27.84 -3.56 12.47
C LEU A 96 28.71 -4.00 11.31
N GLU A 97 29.95 -4.37 11.59
CA GLU A 97 30.94 -4.65 10.55
C GLU A 97 30.54 -5.82 9.68
N GLU A 98 30.01 -6.87 10.31
CA GLU A 98 29.50 -8.01 9.52
C GLU A 98 28.00 -7.94 9.10
N PHE A 99 27.38 -6.79 9.33
CA PHE A 99 25.95 -6.57 9.01
C PHE A 99 25.73 -6.46 7.51
N ASN A 100 25.11 -7.49 6.94
CA ASN A 100 24.86 -7.54 5.52
C ASN A 100 23.48 -8.04 5.10
N ASP A 101 22.83 -8.82 5.96
CA ASP A 101 21.53 -9.38 5.60
C ASP A 101 20.48 -8.84 6.54
N VAL A 102 19.31 -8.53 5.97
CA VAL A 102 18.18 -8.03 6.75
C VAL A 102 16.95 -8.90 6.49
N TYR A 103 16.31 -9.34 7.56
CA TYR A 103 15.08 -10.12 7.47
C TYR A 103 13.96 -9.47 8.29
N LEU A 104 12.78 -9.43 7.72
CA LEU A 104 11.60 -8.83 8.36
C LEU A 104 10.54 -9.91 8.60
N VAL A 105 9.87 -9.87 9.74
CA VAL A 105 8.79 -10.84 10.04
C VAL A 105 7.47 -10.13 10.31
N THR A 106 6.41 -10.60 9.67
CA THR A 106 5.07 -10.05 9.83
CA THR A 106 5.07 -10.09 9.96
C THR A 106 4.06 -11.22 9.86
N HIS A 107 2.83 -10.93 10.29
CA HIS A 107 1.77 -11.94 10.24
C HIS A 107 1.56 -12.43 8.82
N LEU A 108 1.42 -13.74 8.65
CA LEU A 108 0.99 -14.29 7.37
C LEU A 108 -0.51 -14.11 7.25
N MET A 109 -0.96 -13.64 6.10
CA MET A 109 -2.37 -13.40 5.88
C MET A 109 -2.79 -14.32 4.77
N GLY A 110 -4.03 -14.81 4.85
CA GLY A 110 -4.61 -15.75 3.88
C GLY A 110 -4.17 -15.61 2.42
N ALA A 111 -4.65 -14.56 1.77
CA ALA A 111 -4.42 -14.33 0.35
C ALA A 111 -4.35 -12.82 0.10
N ASP A 112 -4.54 -12.39 -1.14
CA ASP A 112 -4.61 -10.95 -1.43
C ASP A 112 -5.87 -10.62 -2.22
N LEU A 113 -6.12 -9.33 -2.43
CA LEU A 113 -7.37 -8.88 -3.04
C LEU A 113 -7.51 -9.25 -4.51
N ASN A 114 -6.39 -9.46 -5.18
CA ASN A 114 -6.43 -10.03 -6.51
C ASN A 114 -6.91 -11.48 -6.44
N ASN A 115 -6.52 -12.19 -5.39
CA ASN A 115 -7.00 -13.55 -5.13
C ASN A 115 -8.39 -13.61 -4.48
N ILE A 116 -9.17 -12.55 -4.63
CA ILE A 116 -10.53 -12.53 -4.07
C ILE A 116 -11.53 -11.95 -5.10
N VAL A 117 -11.09 -10.95 -5.87
CA VAL A 117 -11.87 -10.43 -7.01
C VAL A 117 -11.72 -11.31 -8.27
N LYS A 118 -10.63 -12.06 -8.33
CA LYS A 118 -10.36 -12.94 -9.46
C LYS A 118 -10.82 -14.37 -9.14
N CYS A 119 -11.77 -14.46 -8.20
CA CYS A 119 -12.48 -15.69 -7.91
C CYS A 119 -13.97 -15.56 -8.23
N GLN A 120 -14.56 -14.43 -7.82
CA GLN A 120 -15.94 -14.06 -8.19
C GLN A 120 -16.04 -12.55 -8.47
N LYS A 121 -17.24 -11.98 -8.32
CA LYS A 121 -17.38 -10.55 -8.09
C LYS A 121 -17.25 -10.47 -6.56
N LEU A 122 -17.74 -9.41 -5.95
CA LEU A 122 -18.07 -9.47 -4.53
C LEU A 122 -19.48 -8.94 -4.32
N THR A 123 -20.15 -9.42 -3.27
CA THR A 123 -21.44 -8.87 -2.88
C THR A 123 -21.21 -7.52 -2.19
N ASP A 124 -22.26 -6.70 -2.11
CA ASP A 124 -22.18 -5.36 -1.60
C ASP A 124 -21.71 -5.28 -0.16
N ASP A 125 -22.14 -6.24 0.66
CA ASP A 125 -21.85 -6.24 2.08
C ASP A 125 -20.35 -6.47 2.34
N HIS A 126 -19.75 -7.28 1.49
CA HIS A 126 -18.34 -7.55 1.55
C HIS A 126 -17.55 -6.35 1.09
N VAL A 127 -17.94 -5.76 -0.05
CA VAL A 127 -17.23 -4.59 -0.53
C VAL A 127 -17.20 -3.47 0.49
N GLN A 128 -18.32 -3.24 1.19
CA GLN A 128 -18.39 -2.29 2.28
C GLN A 128 -17.33 -2.54 3.30
N PHE A 129 -17.15 -3.81 3.66
CA PHE A 129 -16.29 -4.14 4.78
C PHE A 129 -14.82 -3.96 4.41
N LEU A 130 -14.46 -4.42 3.23
CA LEU A 130 -13.10 -4.35 2.67
C LEU A 130 -12.66 -2.87 2.39
N ILE A 131 -13.47 -2.13 1.66
CA ILE A 131 -13.21 -0.69 1.43
C ILE A 131 -13.19 0.10 2.75
N TYR A 132 -14.17 -0.16 3.64
CA TYR A 132 -14.10 0.41 4.97
C TYR A 132 -12.73 0.20 5.62
N GLN A 133 -12.26 -1.04 5.60
CA GLN A 133 -11.01 -1.36 6.29
C GLN A 133 -9.78 -0.70 5.61
N ILE A 134 -9.77 -0.67 4.29
CA ILE A 134 -8.77 0.11 3.53
C ILE A 134 -8.77 1.57 3.95
N LEU A 135 -9.95 2.18 4.05
CA LEU A 135 -10.05 3.60 4.41
C LEU A 135 -9.61 3.84 5.77
N ARG A 136 -9.95 2.93 6.68
CA ARG A 136 -9.51 3.08 8.08
C ARG A 136 -7.98 2.91 8.20
N GLY A 137 -7.41 1.97 7.46
CA GLY A 137 -5.94 1.88 7.39
C GLY A 137 -5.34 3.15 6.77
N LEU A 138 -5.89 3.62 5.65
CA LEU A 138 -5.38 4.86 5.03
C LEU A 138 -5.48 6.10 5.90
N LYS A 139 -6.58 6.23 6.65
CA LYS A 139 -6.73 7.39 7.48
C LYS A 139 -5.57 7.42 8.38
N TYR A 140 -5.22 6.25 8.91
CA TYR A 140 -4.10 6.17 9.86
C TYR A 140 -2.76 6.55 9.20
N ILE A 141 -2.51 5.98 8.02
CA ILE A 141 -1.25 6.19 7.29
C ILE A 141 -1.13 7.69 6.93
N HIS A 142 -2.22 8.26 6.41
CA HIS A 142 -2.30 9.64 6.01
C HIS A 142 -2.08 10.61 7.16
N SER A 143 -2.40 10.15 8.38
CA SER A 143 -2.32 11.00 9.54
C SER A 143 -0.87 11.15 9.95
N ALA A 144 -0.05 10.22 9.49
CA ALA A 144 1.38 10.30 9.77
C ALA A 144 2.10 11.10 8.68
N ASP A 145 1.33 11.66 7.74
CA ASP A 145 1.85 12.31 6.51
C ASP A 145 2.67 11.37 5.60
N ILE A 146 2.27 10.10 5.59
CA ILE A 146 2.74 9.07 4.67
C ILE A 146 1.69 8.88 3.58
N ILE A 147 2.17 8.72 2.36
CA ILE A 147 1.32 8.55 1.23
C ILE A 147 1.76 7.20 0.71
N HIS A 148 0.82 6.30 0.45
CA HIS A 148 1.20 4.95 0.07
C HIS A 148 1.76 4.89 -1.35
N ARG A 149 1.00 5.46 -2.29
CA ARG A 149 1.42 5.72 -3.68
C ARG A 149 1.22 4.56 -4.62
N ASP A 150 1.08 3.37 -4.06
CA ASP A 150 1.05 2.18 -4.91
C ASP A 150 -0.07 1.25 -4.47
N LEU A 151 -1.19 1.79 -4.04
CA LEU A 151 -2.29 0.92 -3.66
C LEU A 151 -2.88 0.21 -4.89
N LYS A 152 -3.11 -1.10 -4.75
CA LYS A 152 -3.61 -1.94 -5.83
C LYS A 152 -3.96 -3.28 -5.19
N PRO A 153 -4.79 -4.13 -5.84
CA PRO A 153 -5.22 -5.38 -5.19
C PRO A 153 -4.12 -6.22 -4.59
N SER A 154 -3.04 -6.41 -5.33
CA SER A 154 -1.94 -7.19 -4.81
C SER A 154 -1.27 -6.59 -3.59
N ASN A 155 -1.63 -5.38 -3.18
CA ASN A 155 -1.03 -4.75 -1.98
C ASN A 155 -1.95 -4.76 -0.74
N LEU A 156 -3.04 -5.51 -0.86
CA LEU A 156 -4.03 -5.61 0.22
C LEU A 156 -4.15 -7.08 0.59
N ALA A 157 -3.71 -7.39 1.80
CA ALA A 157 -3.74 -8.77 2.31
C ALA A 157 -5.04 -9.03 3.07
N VAL A 158 -5.76 -10.03 2.62
CA VAL A 158 -7.00 -10.38 3.28
C VAL A 158 -6.91 -11.85 3.71
N ASN A 159 -7.28 -12.14 4.96
CA ASN A 159 -7.34 -13.51 5.41
C ASN A 159 -8.72 -14.14 5.25
N GLU A 160 -8.87 -15.39 5.67
CA GLU A 160 -10.12 -16.15 5.52
C GLU A 160 -11.33 -15.50 6.24
N ASP A 161 -11.06 -14.71 7.28
CA ASP A 161 -12.04 -13.94 8.02
C ASP A 161 -12.38 -12.52 7.43
N CYS A 162 -11.89 -12.26 6.22
CA CYS A 162 -12.06 -10.96 5.51
C CYS A 162 -11.47 -9.74 6.20
N GLU A 163 -10.56 -9.98 7.13
CA GLU A 163 -9.79 -8.89 7.73
C GLU A 163 -8.75 -8.41 6.75
N LEU A 164 -8.54 -7.11 6.69
CA LEU A 164 -7.64 -6.57 5.67
C LEU A 164 -6.51 -5.79 6.31
N LYS A 165 -5.31 -6.01 5.78
CA LYS A 165 -4.13 -5.20 6.08
C LYS A 165 -3.53 -4.62 4.77
N ILE A 166 -3.25 -3.33 4.80
CA ILE A 166 -2.55 -2.67 3.75
C ILE A 166 -1.09 -3.04 3.88
N LEU A 167 -0.51 -3.45 2.78
CA LEU A 167 0.95 -3.55 2.76
C LEU A 167 1.59 -2.81 1.59
N ASP A 168 2.90 -3.00 1.48
CA ASP A 168 3.67 -2.58 0.29
C ASP A 168 4.48 -3.84 -0.11
N PHE A 169 4.60 -4.09 -1.42
CA PHE A 169 5.39 -5.20 -1.97
C PHE A 169 4.83 -6.61 -1.70
N VAL A 183 -0.60 -8.02 -12.86
CA VAL A 183 -1.32 -6.76 -12.82
C VAL A 183 -0.38 -5.55 -13.04
N ALA A 184 -0.96 -4.42 -13.47
CA ALA A 184 -0.23 -3.16 -13.68
C ALA A 184 -0.52 -2.15 -12.58
N THR A 185 0.53 -1.54 -12.07
CA THR A 185 0.42 -0.45 -11.13
C THR A 185 -0.36 0.72 -11.76
N ARG A 186 -0.10 0.95 -13.05
CA ARG A 186 -0.72 2.06 -13.81
C ARG A 186 -2.24 2.10 -13.68
N TRP A 187 -2.89 0.94 -13.61
CA TRP A 187 -4.35 0.86 -13.61
C TRP A 187 -5.00 1.55 -12.43
N TYR A 188 -4.25 1.68 -11.33
CA TYR A 188 -4.71 2.28 -10.08
C TYR A 188 -4.16 3.69 -9.84
N ARG A 189 -3.25 4.17 -10.69
CA ARG A 189 -2.61 5.46 -10.43
C ARG A 189 -3.47 6.67 -10.73
N ALA A 190 -3.49 7.61 -9.79
CA ALA A 190 -4.16 8.87 -9.97
C ALA A 190 -3.66 9.61 -11.25
N PRO A 191 -4.57 10.27 -11.98
CA PRO A 191 -4.20 10.92 -13.24
C PRO A 191 -3.07 11.96 -13.05
N GLU A 192 -3.03 12.65 -11.92
CA GLU A 192 -1.97 13.62 -11.66
C GLU A 192 -0.56 13.00 -11.60
N ILE A 193 -0.46 11.73 -11.22
CA ILE A 193 0.84 11.06 -11.14
C ILE A 193 1.34 10.66 -12.52
N MET A 194 0.45 10.17 -13.37
CA MET A 194 0.77 9.82 -14.75
C MET A 194 1.31 11.05 -15.45
N LEU A 195 0.62 12.18 -15.25
CA LEU A 195 0.98 13.47 -15.91
C LEU A 195 2.21 14.11 -15.27
N ASN A 196 2.81 13.41 -14.30
CA ASN A 196 4.11 13.79 -13.74
C ASN A 196 4.05 15.09 -12.91
N TRP A 197 2.95 15.29 -12.19
CA TRP A 197 2.88 16.39 -11.25
C TRP A 197 3.81 16.15 -10.07
N MET A 198 4.72 17.09 -9.81
CA MET A 198 5.66 17.01 -8.68
C MET A 198 4.95 17.11 -7.30
N HIS A 199 3.80 17.79 -7.25
CA HIS A 199 3.21 18.19 -5.98
C HIS A 199 1.89 17.53 -5.58
N TYR A 200 1.70 16.30 -6.05
CA TYR A 200 0.47 15.53 -5.74
C TYR A 200 0.45 15.27 -4.25
N ASN A 201 -0.74 15.12 -3.67
CA ASN A 201 -0.82 14.81 -2.26
C ASN A 201 -1.38 13.42 -1.88
N GLN A 202 -1.88 13.31 -0.67
CA GLN A 202 -2.38 12.08 -0.13
C GLN A 202 -3.49 11.45 -0.95
N THR A 203 -4.27 12.27 -1.65
CA THR A 203 -5.46 11.81 -2.30
C THR A 203 -5.21 11.04 -3.52
N VAL A 204 -3.94 10.92 -3.94
CA VAL A 204 -3.61 9.93 -4.97
C VAL A 204 -4.05 8.53 -4.49
N ASP A 205 -3.97 8.31 -3.18
CA ASP A 205 -4.31 7.03 -2.57
C ASP A 205 -5.82 6.79 -2.56
N ILE A 206 -6.60 7.87 -2.40
CA ILE A 206 -8.07 7.80 -2.52
C ILE A 206 -8.50 7.43 -3.92
N TRP A 207 -7.85 8.03 -4.93
CA TRP A 207 -8.11 7.62 -6.31
C TRP A 207 -7.96 6.08 -6.49
N SER A 208 -6.85 5.56 -6.00
CA SER A 208 -6.53 4.14 -6.10
C SER A 208 -7.63 3.34 -5.39
N VAL A 209 -8.04 3.79 -4.19
CA VAL A 209 -9.11 3.09 -3.50
C VAL A 209 -10.38 3.06 -4.35
N GLY A 210 -10.71 4.20 -4.93
CA GLY A 210 -11.80 4.26 -5.90
C GLY A 210 -11.72 3.24 -7.03
N CYS A 211 -10.52 3.10 -7.62
CA CYS A 211 -10.35 2.13 -8.69
C CYS A 211 -10.56 0.72 -8.13
N ILE A 212 -10.02 0.47 -6.92
CA ILE A 212 -10.17 -0.83 -6.27
C ILE A 212 -11.62 -1.20 -6.02
N MET A 213 -12.37 -0.30 -5.39
CA MET A 213 -13.78 -0.50 -5.09
C MET A 213 -14.66 -0.81 -6.31
N ALA A 214 -14.52 -0.03 -7.37
CA ALA A 214 -15.20 -0.26 -8.63
C ALA A 214 -14.93 -1.66 -9.21
N GLU A 215 -13.66 -2.07 -9.18
CA GLU A 215 -13.23 -3.41 -9.59
C GLU A 215 -13.93 -4.50 -8.78
N LEU A 216 -14.06 -4.29 -7.48
CA LEU A 216 -14.71 -5.24 -6.59
C LEU A 216 -16.21 -5.33 -6.88
N LEU A 217 -16.77 -4.25 -7.41
CA LEU A 217 -18.21 -4.22 -7.61
C LEU A 217 -18.61 -4.79 -8.95
N THR A 218 -17.64 -4.94 -9.84
CA THR A 218 -17.92 -5.29 -11.23
C THR A 218 -17.02 -6.42 -11.76
N GLY A 219 -16.12 -6.95 -10.93
CA GLY A 219 -15.14 -7.95 -11.37
C GLY A 219 -14.23 -7.43 -12.48
N ARG A 220 -14.35 -6.14 -12.80
CA ARG A 220 -13.55 -5.56 -13.88
C ARG A 220 -12.59 -4.46 -13.43
N THR A 221 -11.39 -4.47 -14.00
CA THR A 221 -10.46 -3.37 -13.81
C THR A 221 -11.15 -2.17 -14.40
N LEU A 222 -11.21 -1.09 -13.63
CA LEU A 222 -11.96 0.10 -14.05
C LEU A 222 -11.28 0.74 -15.25
N PHE A 223 -9.97 0.91 -15.15
CA PHE A 223 -9.16 1.55 -16.15
C PHE A 223 -7.95 0.70 -16.53
N PRO A 224 -8.18 -0.33 -17.38
CA PRO A 224 -7.10 -1.18 -17.82
C PRO A 224 -6.34 -0.57 -19.00
N GLY A 225 -5.54 0.45 -18.74
CA GLY A 225 -4.75 1.10 -19.80
C GLY A 225 -3.60 0.22 -20.25
N THR A 226 -3.21 0.35 -21.53
CA THR A 226 -2.08 -0.39 -22.09
C THR A 226 -0.76 0.38 -21.94
N ASP A 227 -0.87 1.70 -21.78
CA ASP A 227 0.25 2.57 -21.41
C ASP A 227 -0.32 3.80 -20.72
N HIS A 228 0.52 4.74 -20.32
CA HIS A 228 0.11 5.95 -19.62
C HIS A 228 -0.83 6.87 -20.43
N ILE A 229 -0.74 6.83 -21.77
CA ILE A 229 -1.53 7.70 -22.65
C ILE A 229 -2.94 7.10 -22.78
N ASP A 230 -2.98 5.82 -23.12
CA ASP A 230 -4.18 5.04 -23.06
C ASP A 230 -4.88 5.24 -21.72
N GLN A 231 -4.14 5.06 -20.62
CA GLN A 231 -4.69 5.10 -19.27
C GLN A 231 -5.43 6.40 -19.04
N LEU A 232 -4.79 7.52 -19.38
CA LEU A 232 -5.43 8.81 -19.28
C LEU A 232 -6.68 8.87 -20.12
N LYS A 233 -6.61 8.39 -21.36
CA LYS A 233 -7.79 8.40 -22.23
C LYS A 233 -8.92 7.65 -21.56
N LEU A 234 -8.60 6.51 -20.96
CA LEU A 234 -9.64 5.72 -20.29
C LEU A 234 -10.23 6.47 -19.11
N ILE A 235 -9.36 7.13 -18.35
CA ILE A 235 -9.81 7.92 -17.19
C ILE A 235 -10.75 9.07 -17.58
N LEU A 236 -10.30 9.91 -18.53
CA LEU A 236 -11.04 11.13 -18.89
C LEU A 236 -12.35 10.79 -19.55
N ARG A 237 -12.38 9.63 -20.17
CA ARG A 237 -13.58 9.11 -20.76
C ARG A 237 -14.66 8.92 -19.69
N LEU A 238 -14.28 8.46 -18.50
CA LEU A 238 -15.26 8.34 -17.41
C LEU A 238 -15.52 9.63 -16.66
N VAL A 239 -14.46 10.33 -16.31
CA VAL A 239 -14.62 11.46 -15.43
C VAL A 239 -14.78 12.79 -16.20
N GLY A 240 -14.61 12.75 -17.53
CA GLY A 240 -14.65 13.95 -18.37
C GLY A 240 -13.30 14.64 -18.48
N THR A 241 -13.14 15.53 -19.48
CA THR A 241 -11.92 16.33 -19.52
C THR A 241 -11.94 17.50 -18.54
N PRO A 242 -10.76 17.99 -18.15
CA PRO A 242 -10.78 19.00 -17.09
C PRO A 242 -11.50 20.24 -17.55
N GLY A 243 -12.27 20.83 -16.65
CA GLY A 243 -12.87 22.12 -16.89
C GLY A 243 -11.87 23.21 -16.55
N ALA A 244 -12.39 24.42 -16.47
CA ALA A 244 -11.57 25.60 -16.35
C ALA A 244 -10.95 25.77 -14.96
N GLU A 245 -11.72 25.51 -13.89
CA GLU A 245 -11.15 25.64 -12.55
C GLU A 245 -9.97 24.69 -12.32
N LEU A 246 -9.97 23.53 -12.95
CA LEU A 246 -8.83 22.64 -12.84
C LEU A 246 -7.63 23.06 -13.72
N LEU A 247 -7.93 23.49 -14.94
CA LEU A 247 -6.92 23.77 -15.95
C LEU A 247 -6.06 24.96 -15.51
N LYS A 248 -6.69 25.86 -14.76
CA LYS A 248 -6.00 27.02 -14.21
C LYS A 248 -5.05 26.71 -13.08
N LYS A 249 -5.06 25.46 -12.59
CA LYS A 249 -4.13 25.04 -11.53
C LYS A 249 -2.98 24.20 -12.09
N ILE A 250 -2.99 23.98 -13.41
CA ILE A 250 -1.93 23.18 -14.04
C ILE A 250 -0.70 24.03 -14.45
N SER A 251 0.41 23.85 -13.74
CA SER A 251 1.63 24.64 -13.95
C SER A 251 2.43 24.33 -15.20
N SER A 252 2.45 23.08 -15.62
CA SER A 252 3.16 22.70 -16.84
C SER A 252 2.43 23.10 -18.12
N GLU A 253 3.06 23.97 -18.91
CA GLU A 253 2.55 24.34 -20.24
C GLU A 253 2.25 23.14 -21.12
N SER A 254 3.13 22.14 -21.13
CA SER A 254 2.99 20.99 -22.03
C SER A 254 1.90 20.01 -21.59
N ALA A 255 1.85 19.70 -20.29
CA ALA A 255 0.74 18.96 -19.70
C ALA A 255 -0.62 19.59 -19.99
N ARG A 256 -0.72 20.90 -19.77
CA ARG A 256 -1.95 21.66 -20.08
C ARG A 256 -2.31 21.52 -21.55
N ASN A 257 -1.31 21.54 -22.42
CA ASN A 257 -1.54 21.33 -23.85
C ASN A 257 -2.03 19.93 -24.17
N TYR A 258 -1.34 18.89 -23.67
CA TYR A 258 -1.83 17.52 -23.92
C TYR A 258 -3.31 17.43 -23.57
N ILE A 259 -3.62 17.83 -22.33
CA ILE A 259 -4.96 17.84 -21.79
C ILE A 259 -5.94 18.58 -22.72
N GLN A 260 -5.60 19.82 -23.09
CA GLN A 260 -6.49 20.68 -23.87
C GLN A 260 -6.58 20.29 -25.34
N SER A 261 -5.61 19.50 -25.80
CA SER A 261 -5.57 19.07 -27.20
C SER A 261 -6.30 17.76 -27.42
N LEU A 262 -6.43 16.94 -26.37
CA LEU A 262 -7.18 15.68 -26.46
C LEU A 262 -8.67 16.01 -26.47
N THR A 263 -9.40 15.47 -27.47
CA THR A 263 -10.82 15.79 -27.67
C THR A 263 -11.59 15.81 -26.36
N GLN A 264 -12.29 16.92 -26.10
CA GLN A 264 -13.16 17.09 -24.94
C GLN A 264 -14.12 15.91 -24.71
N MET A 265 -14.19 15.46 -23.46
CA MET A 265 -15.12 14.42 -23.04
C MET A 265 -15.97 14.96 -21.91
N PRO A 266 -17.27 14.60 -21.86
CA PRO A 266 -18.07 14.96 -20.70
C PRO A 266 -17.96 13.95 -19.56
N LYS A 267 -18.14 14.44 -18.35
CA LYS A 267 -18.28 13.63 -17.14
C LYS A 267 -19.40 12.64 -17.35
N MET A 268 -19.21 11.40 -16.93
CA MET A 268 -20.26 10.41 -17.08
C MET A 268 -21.10 10.33 -15.83
N ASN A 269 -22.36 9.94 -15.99
CA ASN A 269 -23.20 9.60 -14.87
C ASN A 269 -22.74 8.25 -14.33
N PHE A 270 -22.25 8.24 -13.10
CA PHE A 270 -21.71 7.01 -12.50
C PHE A 270 -22.84 5.97 -12.28
N ALA A 271 -24.04 6.43 -11.95
CA ALA A 271 -25.19 5.53 -11.75
C ALA A 271 -25.57 4.73 -13.03
N ASN A 272 -25.09 5.18 -14.19
CA ASN A 272 -25.23 4.48 -15.48
C ASN A 272 -24.06 3.58 -15.81
N VAL A 273 -22.88 3.94 -15.33
CA VAL A 273 -21.70 3.15 -15.60
C VAL A 273 -21.64 1.99 -14.61
N PHE A 274 -22.09 2.24 -13.38
CA PHE A 274 -22.15 1.22 -12.34
C PHE A 274 -23.60 0.80 -12.12
N ILE A 275 -24.18 0.28 -13.19
CA ILE A 275 -25.61 -0.13 -13.20
C ILE A 275 -25.88 -1.28 -12.25
N GLY A 276 -26.83 -1.07 -11.37
CA GLY A 276 -27.28 -2.10 -10.44
C GLY A 276 -26.55 -2.07 -9.11
N ALA A 277 -25.40 -1.37 -9.07
CA ALA A 277 -24.66 -1.17 -7.79
C ALA A 277 -25.51 -0.39 -6.81
N ASN A 278 -25.27 -0.60 -5.53
CA ASN A 278 -25.81 0.25 -4.47
C ASN A 278 -25.60 1.75 -4.82
N PRO A 279 -26.64 2.58 -4.66
CA PRO A 279 -26.53 4.03 -4.93
C PRO A 279 -25.63 4.79 -3.93
N LEU A 280 -25.45 4.25 -2.73
CA LEU A 280 -24.51 4.85 -1.81
C LEU A 280 -23.05 4.55 -2.21
N ALA A 281 -22.80 3.37 -2.76
CA ALA A 281 -21.49 3.06 -3.30
C ALA A 281 -21.20 3.91 -4.55
N VAL A 282 -22.25 4.19 -5.33
CA VAL A 282 -22.06 5.00 -6.52
C VAL A 282 -21.69 6.41 -6.07
N ASP A 283 -22.34 6.85 -5.01
CA ASP A 283 -22.08 8.15 -4.48
C ASP A 283 -20.64 8.29 -3.95
N LEU A 284 -20.15 7.27 -3.25
CA LEU A 284 -18.77 7.28 -2.76
C LEU A 284 -17.82 7.35 -3.92
N LEU A 285 -18.05 6.50 -4.91
CA LEU A 285 -17.23 6.45 -6.10
C LEU A 285 -17.11 7.77 -6.84
N GLU A 286 -18.21 8.53 -6.88
CA GLU A 286 -18.24 9.86 -7.51
C GLU A 286 -17.31 10.79 -6.72
N LYS A 287 -17.33 10.67 -5.40
CA LYS A 287 -16.50 11.46 -4.51
C LYS A 287 -15.02 11.04 -4.47
N MET A 288 -14.74 9.82 -4.93
CA MET A 288 -13.36 9.34 -4.87
C MET A 288 -12.63 9.64 -6.14
N LEU A 289 -13.34 9.58 -7.24
CA LEU A 289 -12.77 9.62 -8.55
C LEU A 289 -12.96 10.98 -9.23
N VAL A 290 -12.76 12.04 -8.45
CA VAL A 290 -12.78 13.38 -8.95
C VAL A 290 -11.42 13.59 -9.59
N LEU A 291 -11.43 14.02 -10.84
CA LEU A 291 -10.18 14.34 -11.56
C LEU A 291 -9.37 15.34 -10.78
N ASP A 292 -10.01 16.38 -10.26
CA ASP A 292 -9.29 17.40 -9.47
C ASP A 292 -9.02 16.94 -8.04
N SER A 293 -7.73 16.76 -7.75
CA SER A 293 -7.34 16.15 -6.50
C SER A 293 -7.65 17.01 -5.28
N ASP A 294 -7.78 18.33 -5.49
CA ASP A 294 -8.23 19.23 -4.42
C ASP A 294 -9.68 19.00 -3.94
N LYS A 295 -10.51 18.36 -4.77
CA LYS A 295 -11.94 18.15 -4.47
C LYS A 295 -12.33 16.72 -4.03
N ARG A 296 -11.38 15.78 -4.16
CA ARG A 296 -11.50 14.38 -3.79
C ARG A 296 -11.72 14.29 -2.30
N ILE A 297 -12.72 13.50 -1.91
CA ILE A 297 -12.91 13.12 -0.54
C ILE A 297 -11.62 12.52 0.06
N THR A 298 -11.30 12.86 1.29
CA THR A 298 -10.18 12.28 2.03
C THR A 298 -10.59 10.92 2.70
N ALA A 299 -9.62 10.26 3.35
CA ALA A 299 -9.90 9.00 4.03
C ALA A 299 -10.84 9.19 5.25
N ALA A 300 -10.49 10.12 6.14
CA ALA A 300 -11.35 10.55 7.25
C ALA A 300 -12.79 10.89 6.85
N GLN A 301 -12.96 11.70 5.80
CA GLN A 301 -14.28 11.99 5.26
C GLN A 301 -14.99 10.77 4.64
N ALA A 302 -14.23 9.91 3.97
CA ALA A 302 -14.87 8.77 3.34
C ALA A 302 -15.44 7.80 4.38
N LEU A 303 -14.78 7.71 5.54
CA LEU A 303 -15.21 6.80 6.63
C LEU A 303 -16.56 7.17 7.23
N ALA A 304 -16.88 8.46 7.17
CA ALA A 304 -18.14 8.99 7.67
C ALA A 304 -19.22 9.06 6.59
N HIS A 305 -18.90 8.62 5.36
CA HIS A 305 -19.92 8.50 4.31
C HIS A 305 -20.95 7.42 4.72
N ALA A 306 -22.17 7.53 4.17
CA ALA A 306 -23.31 6.71 4.59
C ALA A 306 -23.09 5.25 4.23
N TYR A 307 -22.46 5.02 3.09
CA TYR A 307 -22.17 3.67 2.61
C TYR A 307 -21.58 2.77 3.65
N PHE A 308 -20.94 3.37 4.67
CA PHE A 308 -20.25 2.60 5.71
C PHE A 308 -20.93 2.66 7.03
N ALA A 309 -22.17 3.16 7.04
CA ALA A 309 -22.91 3.43 8.31
C ALA A 309 -22.95 2.27 9.32
N GLN A 310 -22.89 1.02 8.85
CA GLN A 310 -22.85 -0.12 9.79
C GLN A 310 -21.48 -0.50 10.34
N TYR A 311 -20.41 0.04 9.76
CA TYR A 311 -19.07 -0.26 10.26
C TYR A 311 -18.44 0.93 10.99
N HIS A 312 -18.92 2.13 10.68
CA HIS A 312 -18.24 3.36 11.14
C HIS A 312 -18.38 3.65 12.63
N ASP A 313 -17.24 3.80 13.30
CA ASP A 313 -17.21 4.22 14.68
C ASP A 313 -16.12 5.29 14.85
N PRO A 314 -16.51 6.56 15.02
CA PRO A 314 -15.55 7.67 15.16
C PRO A 314 -14.59 7.53 16.33
N ASP A 315 -14.80 6.53 17.19
CA ASP A 315 -13.92 6.30 18.36
C ASP A 315 -13.00 5.11 18.26
N ASP A 316 -13.11 4.39 17.16
CA ASP A 316 -12.20 3.28 16.85
C ASP A 316 -11.78 3.50 15.40
N GLU A 317 -11.22 4.67 15.15
CA GLU A 317 -10.62 5.03 13.86
C GLU A 317 -9.41 5.91 14.18
N PRO A 318 -8.44 5.30 14.85
CA PRO A 318 -7.27 5.97 15.39
C PRO A 318 -6.36 6.56 14.28
N VAL A 319 -5.59 7.56 14.71
CA VAL A 319 -4.59 8.23 13.93
C VAL A 319 -3.24 7.80 14.48
N ALA A 320 -2.17 8.15 13.73
CA ALA A 320 -0.84 7.63 14.00
C ALA A 320 -0.01 8.62 14.81
N ASP A 321 0.95 8.11 15.58
CA ASP A 321 2.06 8.92 16.10
C ASP A 321 2.82 9.66 14.96
N PRO A 322 3.51 10.75 15.28
CA PRO A 322 4.23 11.53 14.23
C PRO A 322 5.30 10.69 13.56
N TYR A 323 5.46 10.79 12.26
CA TYR A 323 6.48 10.01 11.59
C TYR A 323 7.51 10.97 11.04
N ASP A 324 8.74 10.77 11.45
CA ASP A 324 9.84 11.63 11.02
C ASP A 324 10.38 11.14 9.70
N GLN A 325 10.01 11.75 8.59
CA GLN A 325 10.66 11.31 7.37
C GLN A 325 11.59 12.37 6.81
N SER A 326 12.27 13.09 7.69
CA SER A 326 13.28 14.07 7.23
C SER A 326 14.42 13.39 6.46
N PHE A 327 14.71 12.12 6.77
CA PHE A 327 15.76 11.35 6.11
C PHE A 327 15.56 11.30 4.60
N GLU A 328 14.31 11.36 4.16
CA GLU A 328 14.00 11.32 2.73
C GLU A 328 14.71 12.42 1.92
N SER A 329 15.00 13.55 2.56
CA SER A 329 15.65 14.64 1.84
C SER A 329 17.18 14.57 1.99
N ARG A 330 17.71 13.50 2.60
CA ARG A 330 19.14 13.47 2.85
C ARG A 330 19.85 12.66 1.81
N ASP A 331 21.09 13.05 1.51
CA ASP A 331 21.93 12.30 0.61
C ASP A 331 23.10 11.75 1.42
N LEU A 332 23.14 10.44 1.62
CA LEU A 332 24.11 9.91 2.55
C LEU A 332 24.95 8.82 1.90
N LEU A 333 26.04 8.43 2.53
CA LEU A 333 26.82 7.33 1.98
C LEU A 333 26.12 6.02 2.25
N ILE A 334 26.43 5.05 1.42
CA ILE A 334 26.00 3.70 1.59
C ILE A 334 26.25 3.18 3.04
N ASP A 335 27.43 3.45 3.62
CA ASP A 335 27.72 2.99 4.99
C ASP A 335 26.92 3.73 6.03
N GLU A 336 26.55 4.97 5.74
CA GLU A 336 25.77 5.71 6.68
C GLU A 336 24.29 5.25 6.66
N TRP A 337 23.73 4.98 5.49
CA TRP A 337 22.39 4.39 5.44
C TRP A 337 22.39 3.03 6.10
N LYS A 338 23.45 2.26 5.88
CA LYS A 338 23.57 0.93 6.46
C LYS A 338 23.63 0.96 7.98
N SER A 339 24.47 1.85 8.51
CA SER A 339 24.59 2.01 9.93
C SER A 339 23.30 2.51 10.57
N LEU A 340 22.59 3.44 9.93
CA LEU A 340 21.26 3.85 10.41
C LEU A 340 20.26 2.70 10.46
N THR A 341 20.36 1.76 9.52
CA THR A 341 19.52 0.55 9.47
C THR A 341 19.89 -0.39 10.63
N TYR A 342 21.19 -0.47 10.92
CA TYR A 342 21.65 -1.32 12.00
C TYR A 342 21.13 -0.79 13.31
N ASP A 343 21.26 0.51 13.51
CA ASP A 343 20.69 1.16 14.68
C ASP A 343 19.25 0.74 14.88
N GLU A 344 18.49 0.77 13.79
CA GLU A 344 17.05 0.49 13.86
C GLU A 344 16.74 -0.99 14.10
N VAL A 345 17.63 -1.89 13.71
CA VAL A 345 17.45 -3.31 13.95
C VAL A 345 17.66 -3.61 15.45
N ILE A 346 18.59 -2.87 16.06
CA ILE A 346 18.99 -3.01 17.46
C ILE A 346 18.00 -2.38 18.41
N SER A 347 17.42 -1.26 18.03
CA SER A 347 16.47 -0.56 18.91
C SER A 347 15.04 -1.08 18.79
N PHE A 348 14.86 -2.13 17.99
CA PHE A 348 13.54 -2.65 17.75
C PHE A 348 12.97 -3.25 19.03
N VAL A 349 11.76 -2.83 19.42
CA VAL A 349 11.04 -3.44 20.55
C VAL A 349 9.87 -4.27 20.02
N PRO A 350 9.88 -5.58 20.24
CA PRO A 350 8.78 -6.45 19.81
C PRO A 350 7.43 -5.96 20.34
N PRO A 351 6.34 -6.28 19.60
CA PRO A 351 5.06 -5.75 20.09
C PRO A 351 4.55 -6.57 21.29
N PRO A 352 3.58 -6.01 22.05
CA PRO A 352 2.84 -6.78 23.05
C PRO A 352 2.27 -8.06 22.46
N LEU A 353 2.93 -9.20 22.73
CA LEU A 353 2.46 -10.49 22.25
C LEU A 353 1.21 -10.90 23.06
N ASP A 354 0.03 -10.61 22.49
CA ASP A 354 -1.25 -10.80 23.18
C ASP A 354 -1.96 -12.06 22.67
N1 IRG B . -2.35 18.15 -12.43
C2 IRG B . -1.39 19.05 -12.19
N3 IRG B . -1.54 19.90 -11.17
C4 IRG B . -2.64 19.93 -10.40
C5 IRG B . -3.66 19.01 -10.62
C6 IRG B . -3.46 18.11 -11.68
NAA IRG B . -3.96 21.81 -7.56
CAB IRG B . 2.25 19.04 -14.34
CAC IRG B . 1.28 18.06 -14.58
CAD IRG B . 2.00 20.05 -13.40
CAE IRG B . 0.06 18.07 -13.87
CAF IRG B . 0.78 20.03 -12.70
CAG IRG B . -4.92 19.97 -8.75
CAH IRG B . -4.79 19.04 -9.79
CAI IRG B . -2.77 20.87 -9.37
CAJ IRG B . -5.47 16.54 -14.17
CAK IRG B . -5.08 15.25 -13.42
NAN IRG B . -4.37 17.20 -11.99
CAO IRG B . -3.90 20.89 -8.55
CAP IRG B . -0.20 19.07 -12.93
CAU IRG B . -4.22 16.49 -13.26
CAF 0OP C . 7.36 -1.22 2.79
CAC 0OP C . 7.83 -2.42 2.28
CAB 0OP C . 7.17 -3.62 2.53
CAD 0OP C . 6.02 -3.65 3.29
CAG 0OP C . 5.52 -2.47 3.80
CAN 0OP C . 6.18 -1.26 3.55
CAL 0OP C . 5.69 -0.09 4.06
OAM 0OP C . 4.64 -0.39 4.98
CAP 0OP C . 3.60 0.40 4.64
CAJ 0OP C . 3.87 1.51 3.86
CAI 0OP C . 2.31 0.10 5.07
CAE 0OP C . 1.29 0.94 4.71
CAH 0OP C . 1.54 2.06 3.93
CAO 0OP C . 2.84 2.35 3.51
CAK 0OP C . 3.14 3.42 2.71
OAA 0OP C . 3.85 2.93 1.56
CAF 0OP D . 2.66 -10.42 3.68
CAC 0OP D . 1.44 -10.38 4.34
CAB 0OP D . 0.66 -11.54 4.39
CAD 0OP D . 1.09 -12.72 3.81
CAG 0OP D . 2.32 -12.76 3.15
CAN 0OP D . 3.10 -11.61 3.09
CAL 0OP D . 4.33 -11.67 2.42
OAM 0OP D . 4.99 -10.39 2.28
CAP 0OP D . 5.77 -9.98 3.35
CAJ 0OP D . 5.95 -8.63 3.54
CAI 0OP D . 6.38 -10.88 4.22
CAE 0OP D . 7.16 -10.44 5.30
CAH 0OP D . 7.34 -9.07 5.49
CAO 0OP D . 6.73 -8.19 4.60
CAK 0OP D . 6.89 -6.84 4.76
OAA 0OP D . 5.76 -6.23 4.12
#